data_4GS9
#
_entry.id   4GS9
#
_cell.length_a   72.745
_cell.length_b   83.054
_cell.length_c   41.075
_cell.angle_alpha   90.00
_cell.angle_beta   105.78
_cell.angle_gamma   90.00
#
_symmetry.space_group_name_H-M   'C 1 2 1'
#
loop_
_entity.id
_entity.type
_entity.pdbx_description
1 polymer 'Endothelial PAS domain-containing protein 1'
2 polymer 'Aryl hydrocarbon receptor nuclear translocator'
3 non-polymer N-(3-fluorophenyl)-4-nitro-2,1,3-benzoxadiazol-5-amine
4 non-polymer 3,6,9,12,15,18,21-HEPTAOXATRICOSANE-1,23-DIOL
5 water water
#
loop_
_entity_poly.entity_id
_entity_poly.type
_entity_poly.pdbx_seq_one_letter_code
_entity_poly.pdbx_strand_id
1 'polypeptide(L)'
;GEFKGLDSKTFLSEHSMDMKFTYCDDRITELIGYHPEELLGRSAYEFYHALDSENMTKSHQNLCTKGQVVSGQYRMLAKH
GGYVWLETQGTVIYNPRNLQPQCIMCVNYVLSEIEKN
;
A
2 'polypeptide(L)'
;GEFKGLNVCQPTRFISRHNIEGIFTFVDHRCVATVGYQPQELLGKNIVEFCHPEDQQLLRDSFQQVVKLKGQVLSVMFRF
RSKNQEWLWMRTSSFTFQNPYSDEIEYIICTNTNVKNSSQE
;
B
#
loop_
_chem_comp.id
_chem_comp.type
_chem_comp.name
_chem_comp.formula
0XB non-polymer N-(3-fluorophenyl)-4-nitro-2,1,3-benzoxadiazol-5-amine 'C12 H7 F N4 O3'
PE8 non-polymer 3,6,9,12,15,18,21-HEPTAOXATRICOSANE-1,23-DIOL 'C16 H34 O9'
#
# COMPACT_ATOMS: atom_id res chain seq x y z
N PHE A 3 5.07 -22.43 11.42
CA PHE A 3 5.95 -21.28 11.07
C PHE A 3 5.46 -20.63 9.77
N LYS A 4 5.40 -19.30 9.76
CA LYS A 4 4.91 -18.57 8.60
C LYS A 4 6.00 -17.79 7.87
N GLY A 5 5.97 -17.85 6.54
CA GLY A 5 6.90 -17.07 5.71
C GLY A 5 6.63 -15.58 5.83
N LEU A 6 7.61 -14.76 5.42
CA LEU A 6 7.53 -13.31 5.55
C LEU A 6 6.31 -12.75 4.87
N ASP A 7 6.15 -13.08 3.59
CA ASP A 7 5.03 -12.57 2.83
C ASP A 7 3.72 -12.87 3.56
N SER A 8 3.65 -14.01 4.24
CA SER A 8 2.37 -14.45 4.79
C SER A 8 1.99 -13.72 6.07
N LYS A 9 2.92 -13.01 6.69
CA LYS A 9 2.61 -12.30 7.93
C LYS A 9 2.44 -10.81 7.70
N THR A 10 2.39 -10.39 6.44
CA THR A 10 2.26 -8.99 6.12
C THR A 10 0.95 -8.77 5.40
N PHE A 11 0.26 -7.67 5.69
CA PHE A 11 -0.89 -7.27 4.87
C PHE A 11 -0.87 -5.78 4.66
N LEU A 12 -1.35 -5.36 3.50
CA LEU A 12 -1.42 -3.95 3.16
C LEU A 12 -2.80 -3.39 3.50
N SER A 13 -2.85 -2.16 4.01
CA SER A 13 -4.13 -1.49 4.16
C SER A 13 -4.02 -0.04 3.72
N GLU A 14 -5.16 0.53 3.36
CA GLU A 14 -5.23 1.94 2.98
C GLU A 14 -6.29 2.55 3.86
N HIS A 15 -6.08 3.81 4.22
CA HIS A 15 -6.94 4.52 5.16
C HIS A 15 -7.16 5.94 4.70
N SER A 16 -8.33 6.51 5.02
CA SER A 16 -8.46 7.94 4.88
C SER A 16 -7.65 8.60 6.01
N MET A 17 -7.59 9.93 6.02
CA MET A 17 -6.67 10.63 6.91
C MET A 17 -7.12 10.50 8.38
N ASP A 18 -8.37 10.11 8.57
CA ASP A 18 -8.91 9.87 9.92
C ASP A 18 -8.74 8.42 10.36
N MET A 19 -7.95 7.68 9.56
N MET A 19 -7.98 7.64 9.59
CA MET A 19 -7.59 6.27 9.76
CA MET A 19 -7.65 6.26 9.94
C MET A 19 -8.72 5.26 9.57
C MET A 19 -8.71 5.23 9.54
N LYS A 20 -9.81 5.67 8.94
CA LYS A 20 -10.84 4.72 8.52
C LYS A 20 -10.29 3.85 7.38
N PHE A 21 -10.52 2.53 7.44
CA PHE A 21 -10.09 1.67 6.35
C PHE A 21 -10.83 2.05 5.07
N THR A 22 -10.07 2.15 3.98
CA THR A 22 -10.63 2.29 2.64
C THR A 22 -10.26 1.08 1.75
N TYR A 23 -9.29 0.28 2.21
CA TYR A 23 -8.89 -0.94 1.52
C TYR A 23 -8.12 -1.82 2.49
N CYS A 24 -8.30 -3.13 2.42
CA CYS A 24 -7.42 -4.04 3.15
C CYS A 24 -7.19 -5.30 2.30
N ASP A 25 -5.97 -5.79 2.26
CA ASP A 25 -5.71 -7.01 1.48
C ASP A 25 -6.11 -8.27 2.26
N ASP A 26 -6.42 -9.33 1.52
CA ASP A 26 -7.08 -10.49 2.12
C ASP A 26 -6.19 -11.29 3.06
N ARG A 27 -4.89 -11.03 3.07
CA ARG A 27 -4.00 -11.73 4.00
C ARG A 27 -4.43 -11.50 5.44
N ILE A 28 -5.21 -10.44 5.70
CA ILE A 28 -5.57 -10.13 7.08
C ILE A 28 -6.49 -11.19 7.65
N THR A 29 -7.29 -11.80 6.76
CA THR A 29 -8.23 -12.83 7.20
C THR A 29 -7.50 -14.01 7.84
N GLU A 30 -6.46 -14.47 7.18
CA GLU A 30 -5.69 -15.64 7.61
C GLU A 30 -4.95 -15.34 8.92
N LEU A 31 -4.70 -14.06 9.18
CA LEU A 31 -3.88 -13.63 10.32
C LEU A 31 -4.73 -13.23 11.53
N ILE A 32 -5.75 -12.40 11.29
CA ILE A 32 -6.50 -11.75 12.36
C ILE A 32 -8.01 -12.07 12.31
N GLY A 33 -8.49 -12.61 11.20
CA GLY A 33 -9.86 -13.12 11.15
C GLY A 33 -10.81 -12.28 10.34
N TYR A 34 -10.53 -10.99 10.20
CA TYR A 34 -11.43 -10.07 9.52
C TYR A 34 -11.47 -10.29 8.02
N HIS A 35 -12.66 -10.10 7.45
CA HIS A 35 -12.79 -9.94 6.01
C HIS A 35 -12.62 -8.47 5.72
N PRO A 36 -11.84 -8.13 4.69
CA PRO A 36 -11.64 -6.70 4.40
C PRO A 36 -12.93 -5.89 4.32
N GLU A 37 -13.99 -6.48 3.78
CA GLU A 37 -15.21 -5.71 3.58
C GLU A 37 -15.81 -5.25 4.90
N GLU A 38 -15.51 -5.96 5.97
CA GLU A 38 -16.11 -5.65 7.27
C GLU A 38 -15.31 -4.59 8.03
N LEU A 39 -14.09 -4.31 7.56
CA LEU A 39 -13.28 -3.26 8.14
C LEU A 39 -13.57 -1.91 7.49
N LEU A 40 -14.03 -1.93 6.25
CA LEU A 40 -14.17 -0.71 5.48
C LEU A 40 -15.10 0.27 6.20
N GLY A 41 -14.63 1.50 6.35
CA GLY A 41 -15.41 2.54 7.01
C GLY A 41 -15.27 2.57 8.51
N ARG A 42 -14.55 1.59 9.05
CA ARG A 42 -14.26 1.56 10.49
C ARG A 42 -12.88 2.18 10.71
N SER A 43 -12.76 2.95 11.79
CA SER A 43 -11.49 3.52 12.17
C SER A 43 -10.55 2.45 12.72
N ALA A 44 -9.28 2.49 12.34
CA ALA A 44 -8.33 1.54 12.88
C ALA A 44 -8.28 1.67 14.40
N TYR A 45 -8.56 2.86 14.91
CA TYR A 45 -8.53 3.11 16.34
C TYR A 45 -9.46 2.17 17.11
N GLU A 46 -10.52 1.71 16.45
CA GLU A 46 -11.45 0.80 17.10
C GLU A 46 -10.79 -0.54 17.46
N PHE A 47 -9.66 -0.83 16.83
CA PHE A 47 -9.04 -2.13 16.94
C PHE A 47 -7.76 -2.15 17.76
N TYR A 48 -7.31 -0.98 18.21
CA TYR A 48 -6.11 -0.91 19.04
C TYR A 48 -6.43 -1.29 20.49
N HIS A 49 -5.55 -2.05 21.11
CA HIS A 49 -5.64 -2.33 22.54
C HIS A 49 -5.65 -1.01 23.31
N ALA A 50 -6.41 -0.95 24.39
CA ALA A 50 -6.55 0.30 25.15
C ALA A 50 -5.20 0.86 25.56
N LEU A 51 -4.30 -0.05 25.91
CA LEU A 51 -2.99 0.32 26.44
C LEU A 51 -2.07 0.86 25.37
N ASP A 52 -2.48 0.75 24.12
CA ASP A 52 -1.71 1.29 23.01
C ASP A 52 -2.33 2.54 22.42
N SER A 53 -3.48 2.96 22.90
CA SER A 53 -4.20 4.03 22.22
C SER A 53 -3.44 5.36 22.19
N GLU A 54 -2.83 5.74 23.31
CA GLU A 54 -2.11 7.02 23.36
C GLU A 54 -0.87 6.99 22.46
N ASN A 55 -0.15 5.86 22.46
CA ASN A 55 0.99 5.68 21.58
C ASN A 55 0.61 5.73 20.10
N MET A 56 -0.52 5.14 19.75
N MET A 56 -0.53 5.14 19.76
CA MET A 56 -0.95 5.14 18.36
CA MET A 56 -0.97 5.13 18.37
C MET A 56 -1.47 6.51 17.93
C MET A 56 -1.47 6.51 17.93
N THR A 57 -2.04 7.27 18.87
CA THR A 57 -2.44 8.64 18.59
C THR A 57 -1.20 9.45 18.25
N LYS A 58 -0.13 9.24 19.03
CA LYS A 58 1.13 9.95 18.79
C LYS A 58 1.74 9.55 17.44
N SER A 59 1.71 8.26 17.13
N SER A 59 1.68 8.25 17.16
CA SER A 59 2.22 7.78 15.85
CA SER A 59 2.17 7.71 15.88
C SER A 59 1.44 8.38 14.68
C SER A 59 1.44 8.37 14.70
N HIS A 60 0.11 8.46 14.80
CA HIS A 60 -0.71 9.10 13.76
C HIS A 60 -0.35 10.58 13.62
N GLN A 61 -0.13 11.28 14.72
CA GLN A 61 0.27 12.68 14.63
C GLN A 61 1.62 12.81 13.89
N ASN A 62 2.56 11.94 14.21
CA ASN A 62 3.88 11.98 13.58
C ASN A 62 3.79 11.65 12.09
N LEU A 63 2.96 10.66 11.77
CA LEU A 63 2.71 10.32 10.37
C LEU A 63 2.17 11.52 9.59
N CYS A 64 1.21 12.24 10.17
CA CYS A 64 0.58 13.35 9.46
C CYS A 64 1.50 14.57 9.31
N THR A 65 2.43 14.72 10.25
CA THR A 65 3.34 15.87 10.21
C THR A 65 4.64 15.58 9.42
N LYS A 66 5.04 14.31 9.38
CA LYS A 66 6.29 13.93 8.74
C LYS A 66 6.09 13.24 7.38
N GLY A 67 4.93 12.61 7.18
CA GLY A 67 4.64 11.99 5.90
C GLY A 67 4.87 10.50 5.93
N GLN A 68 5.57 10.04 6.96
CA GLN A 68 5.85 8.62 7.15
C GLN A 68 6.14 8.32 8.62
N VAL A 69 5.89 7.08 9.03
CA VAL A 69 6.11 6.69 10.41
C VAL A 69 6.33 5.19 10.47
N VAL A 70 7.13 4.75 11.43
CA VAL A 70 7.06 3.37 11.88
C VAL A 70 6.40 3.42 13.25
N SER A 71 5.33 2.66 13.39
CA SER A 71 4.45 2.76 14.55
C SER A 71 5.05 2.33 15.87
N GLY A 72 6.02 1.42 15.83
CA GLY A 72 6.40 0.72 17.05
C GLY A 72 5.36 -0.35 17.33
N GLN A 73 5.67 -1.23 18.27
CA GLN A 73 4.84 -2.39 18.51
C GLN A 73 3.52 -1.99 19.16
N TYR A 74 2.44 -2.57 18.66
CA TYR A 74 1.14 -2.41 19.27
C TYR A 74 0.27 -3.66 19.09
N ARG A 75 -0.85 -3.71 19.80
CA ARG A 75 -1.73 -4.85 19.75
C ARG A 75 -3.00 -4.51 18.97
N MET A 76 -3.34 -5.34 18.01
CA MET A 76 -4.60 -5.22 17.30
C MET A 76 -5.55 -6.34 17.72
N LEU A 77 -6.76 -5.94 18.10
CA LEU A 77 -7.84 -6.85 18.46
C LEU A 77 -8.18 -7.82 17.34
N ALA A 78 -8.16 -9.12 17.63
CA ALA A 78 -8.49 -10.13 16.62
C ALA A 78 -9.99 -10.39 16.58
N LYS A 79 -10.47 -10.84 15.43
CA LYS A 79 -11.89 -11.06 15.19
C LYS A 79 -12.55 -11.89 16.27
N HIS A 80 -11.91 -13.01 16.62
CA HIS A 80 -12.53 -13.99 17.50
C HIS A 80 -12.01 -13.88 18.92
N GLY A 81 -11.50 -12.70 19.27
CA GLY A 81 -11.03 -12.45 20.62
C GLY A 81 -9.52 -12.48 20.72
N GLY A 82 -9.00 -11.86 21.77
CA GLY A 82 -7.57 -11.75 21.93
C GLY A 82 -6.98 -10.69 21.01
N TYR A 83 -5.66 -10.60 21.01
N TYR A 83 -5.66 -10.64 21.00
CA TYR A 83 -4.96 -9.60 20.24
CA TYR A 83 -4.92 -9.61 20.30
C TYR A 83 -3.74 -10.19 19.57
C TYR A 83 -3.77 -10.25 19.56
N VAL A 84 -3.29 -9.53 18.50
N VAL A 84 -3.26 -9.54 18.55
CA VAL A 84 -2.03 -9.87 17.86
CA VAL A 84 -2.01 -9.92 17.93
C VAL A 84 -1.11 -8.67 17.98
C VAL A 84 -1.10 -8.70 17.94
N TRP A 85 0.18 -8.92 18.23
CA TRP A 85 1.17 -7.85 18.17
C TRP A 85 1.51 -7.55 16.71
N LEU A 86 1.56 -6.26 16.38
CA LEU A 86 1.89 -5.79 15.04
C LEU A 86 2.86 -4.62 15.08
N GLU A 87 3.47 -4.36 13.94
CA GLU A 87 4.11 -3.07 13.71
C GLU A 87 3.68 -2.63 12.33
N THR A 88 3.52 -1.33 12.15
CA THR A 88 3.04 -0.80 10.90
C THR A 88 3.97 0.30 10.38
N GLN A 89 4.30 0.21 9.09
CA GLN A 89 4.97 1.32 8.42
C GLN A 89 3.90 2.11 7.68
N GLY A 90 3.69 3.37 8.05
CA GLY A 90 2.68 4.20 7.42
C GLY A 90 3.31 5.26 6.51
N THR A 91 2.64 5.59 5.40
CA THR A 91 3.12 6.60 4.47
C THR A 91 1.92 7.40 3.98
N VAL A 92 2.01 8.72 4.02
CA VAL A 92 0.93 9.55 3.52
C VAL A 92 1.12 9.73 2.02
N ILE A 93 0.04 9.55 1.26
CA ILE A 93 0.06 9.73 -0.17
C ILE A 93 -0.57 11.10 -0.42
N TYR A 94 0.13 11.98 -1.10
CA TYR A 94 -0.32 13.37 -1.29
C TYR A 94 -0.66 13.65 -2.74
N PRO A 101 -3.03 16.01 1.60
CA PRO A 101 -2.99 14.57 1.87
C PRO A 101 -4.19 13.86 1.26
N GLN A 102 -3.94 12.73 0.61
CA GLN A 102 -4.99 11.96 -0.07
C GLN A 102 -5.43 10.72 0.72
N CYS A 103 -4.47 9.96 1.21
CA CYS A 103 -4.76 8.75 1.98
C CYS A 103 -3.49 8.30 2.66
N ILE A 104 -3.63 7.30 3.52
CA ILE A 104 -2.53 6.69 4.24
C ILE A 104 -2.39 5.26 3.77
N MET A 105 -1.16 4.91 3.41
N MET A 105 -1.16 4.93 3.38
N MET A 105 -1.15 4.89 3.45
CA MET A 105 -0.82 3.55 3.00
CA MET A 105 -0.81 3.56 3.02
CA MET A 105 -0.88 3.54 2.99
C MET A 105 -0.03 2.87 4.11
C MET A 105 -0.11 2.94 4.22
C MET A 105 -0.01 2.81 4.02
N CYS A 106 -0.53 1.73 4.57
CA CYS A 106 0.10 1.00 5.65
C CYS A 106 0.59 -0.36 5.22
N VAL A 107 1.82 -0.68 5.63
CA VAL A 107 2.32 -2.03 5.52
C VAL A 107 2.39 -2.55 6.95
N ASN A 108 1.59 -3.57 7.22
CA ASN A 108 1.38 -4.09 8.56
C ASN A 108 2.00 -5.46 8.66
N TYR A 109 2.88 -5.67 9.63
CA TYR A 109 3.49 -6.98 9.79
C TYR A 109 3.29 -7.50 11.19
N VAL A 110 2.88 -8.76 11.27
CA VAL A 110 2.51 -9.38 12.52
C VAL A 110 3.76 -9.87 13.23
N LEU A 111 3.82 -9.60 14.54
CA LEU A 111 4.99 -9.92 15.36
C LEU A 111 4.72 -11.08 16.31
N SER A 112 3.47 -11.53 16.38
CA SER A 112 3.14 -12.60 17.31
C SER A 112 1.93 -13.40 16.88
N GLU A 113 1.71 -14.53 17.54
CA GLU A 113 0.48 -15.29 17.37
C GLU A 113 -0.62 -14.60 18.17
N ILE A 114 -1.85 -15.08 18.02
CA ILE A 114 -2.95 -14.48 18.75
C ILE A 114 -2.80 -14.81 20.23
N GLU A 115 -2.99 -13.80 21.09
CA GLU A 115 -2.86 -13.97 22.53
C GLU A 115 -4.13 -13.53 23.24
N PRO B 11 -11.40 10.30 -6.12
CA PRO B 11 -10.23 9.89 -6.90
C PRO B 11 -10.21 8.38 -7.10
N THR B 12 -10.13 7.93 -8.36
CA THR B 12 -10.09 6.51 -8.62
C THR B 12 -8.65 6.06 -8.54
N ARG B 13 -8.38 5.07 -7.70
CA ARG B 13 -7.03 4.61 -7.47
C ARG B 13 -7.00 3.16 -7.07
N PHE B 14 -5.85 2.52 -7.28
CA PHE B 14 -5.62 1.17 -6.82
C PHE B 14 -4.17 0.97 -6.40
N ILE B 15 -3.97 0.02 -5.50
CA ILE B 15 -2.61 -0.34 -5.04
C ILE B 15 -2.01 -1.49 -5.84
N SER B 16 -0.70 -1.42 -6.09
CA SER B 16 0.02 -2.54 -6.68
C SER B 16 1.33 -2.73 -5.96
N ARG B 17 1.84 -3.95 -6.01
CA ARG B 17 3.18 -4.25 -5.53
C ARG B 17 3.98 -4.72 -6.73
N HIS B 18 5.26 -4.35 -6.78
CA HIS B 18 6.11 -4.69 -7.91
C HIS B 18 7.43 -5.17 -7.42
N ASN B 19 8.09 -6.05 -8.19
CA ASN B 19 9.47 -6.29 -7.88
C ASN B 19 10.29 -5.12 -8.43
N ILE B 20 11.59 -5.16 -8.18
N ILE B 20 11.59 -5.16 -8.17
CA ILE B 20 12.44 -4.04 -8.51
CA ILE B 20 12.44 -4.05 -8.51
C ILE B 20 12.49 -3.77 -10.01
C ILE B 20 12.49 -3.78 -10.02
N GLU B 21 12.26 -4.82 -10.81
CA GLU B 21 12.25 -4.68 -12.26
C GLU B 21 10.98 -4.02 -12.81
N GLY B 22 9.91 -3.99 -12.00
CA GLY B 22 8.64 -3.42 -12.42
C GLY B 22 7.48 -4.40 -12.58
N ILE B 23 7.74 -5.69 -12.38
CA ILE B 23 6.68 -6.68 -12.59
C ILE B 23 5.60 -6.57 -11.51
N PHE B 24 4.34 -6.57 -11.91
CA PHE B 24 3.23 -6.59 -10.92
C PHE B 24 3.24 -7.93 -10.17
N THR B 25 3.37 -7.90 -8.85
CA THR B 25 3.30 -9.11 -8.02
C THR B 25 2.06 -9.13 -7.11
N PHE B 26 1.36 -8.00 -7.06
CA PHE B 26 0.08 -7.92 -6.40
C PHE B 26 -0.68 -6.75 -7.00
N VAL B 27 -1.98 -6.91 -7.19
CA VAL B 27 -2.79 -5.83 -7.72
C VAL B 27 -4.14 -5.84 -7.00
N ASP B 28 -4.50 -4.70 -6.44
CA ASP B 28 -5.77 -4.52 -5.77
C ASP B 28 -6.92 -4.44 -6.82
N HIS B 29 -8.04 -5.04 -6.47
N HIS B 29 -8.06 -5.03 -6.49
N HIS B 29 -8.06 -5.04 -6.49
CA HIS B 29 -9.19 -5.21 -7.37
CA HIS B 29 -9.17 -5.21 -7.42
CA HIS B 29 -9.16 -5.21 -7.45
C HIS B 29 -9.80 -3.89 -7.86
C HIS B 29 -9.79 -3.89 -7.88
C HIS B 29 -9.82 -3.89 -7.85
N ARG B 30 -9.42 -2.79 -7.23
CA ARG B 30 -9.88 -1.47 -7.67
C ARG B 30 -9.24 -1.10 -9.02
N CYS B 31 -8.29 -1.91 -9.49
CA CYS B 31 -7.74 -1.70 -10.84
C CYS B 31 -8.78 -1.75 -11.94
N VAL B 32 -9.84 -2.55 -11.75
CA VAL B 32 -10.85 -2.67 -12.78
C VAL B 32 -11.51 -1.33 -13.04
N ALA B 33 -11.89 -0.63 -11.97
CA ALA B 33 -12.56 0.68 -12.12
C ALA B 33 -11.58 1.77 -12.59
N THR B 34 -10.30 1.59 -12.27
CA THR B 34 -9.29 2.60 -12.58
C THR B 34 -8.77 2.49 -14.02
N VAL B 35 -8.41 1.28 -14.44
CA VAL B 35 -7.81 1.10 -15.75
C VAL B 35 -8.49 0.03 -16.62
N GLY B 36 -9.50 -0.66 -16.06
CA GLY B 36 -10.35 -1.56 -16.84
C GLY B 36 -9.90 -3.02 -16.91
N TYR B 37 -8.71 -3.32 -16.42
CA TYR B 37 -8.21 -4.68 -16.43
C TYR B 37 -8.54 -5.38 -15.12
N GLN B 38 -8.73 -6.70 -15.20
CA GLN B 38 -8.76 -7.55 -14.04
C GLN B 38 -7.34 -7.70 -13.49
N PRO B 39 -7.21 -7.92 -12.17
CA PRO B 39 -5.87 -8.19 -11.62
C PRO B 39 -5.10 -9.26 -12.38
N GLN B 40 -5.81 -10.31 -12.83
CA GLN B 40 -5.18 -11.40 -13.54
C GLN B 40 -4.58 -10.98 -14.88
N GLU B 41 -5.02 -9.85 -15.42
CA GLU B 41 -4.49 -9.35 -16.67
C GLU B 41 -3.26 -8.48 -16.45
N LEU B 42 -2.95 -8.16 -15.20
CA LEU B 42 -1.80 -7.30 -14.91
C LEU B 42 -0.70 -8.11 -14.24
N LEU B 43 -1.09 -9.07 -13.39
CA LEU B 43 -0.15 -9.84 -12.60
C LEU B 43 0.87 -10.55 -13.50
N GLY B 44 2.15 -10.41 -13.19
CA GLY B 44 3.19 -11.10 -13.92
C GLY B 44 3.72 -10.28 -15.08
N LYS B 45 3.05 -9.18 -15.38
CA LYS B 45 3.49 -8.29 -16.42
C LYS B 45 4.21 -7.11 -15.86
N ASN B 46 5.05 -6.48 -16.65
CA ASN B 46 5.75 -5.30 -16.19
C ASN B 46 4.85 -4.07 -16.36
N ILE B 47 4.87 -3.16 -15.38
CA ILE B 47 4.09 -1.95 -15.51
C ILE B 47 4.46 -1.16 -16.78
N VAL B 48 5.70 -1.32 -17.22
N VAL B 48 5.70 -1.30 -17.23
CA VAL B 48 6.19 -0.57 -18.37
CA VAL B 48 6.13 -0.55 -18.41
C VAL B 48 5.52 -1.01 -19.67
C VAL B 48 5.40 -1.03 -19.67
N GLU B 49 4.92 -2.19 -19.68
N GLU B 49 4.90 -2.26 -19.67
CA GLU B 49 4.23 -2.71 -20.86
CA GLU B 49 4.17 -2.82 -20.80
C GLU B 49 2.92 -1.96 -21.10
C GLU B 49 2.86 -2.06 -21.06
N PHE B 50 2.39 -1.34 -20.05
CA PHE B 50 1.16 -0.56 -20.15
C PHE B 50 1.44 0.93 -20.30
N CYS B 51 2.70 1.29 -20.42
CA CYS B 51 3.12 2.70 -20.37
C CYS B 51 3.33 3.27 -21.78
N HIS B 52 2.89 4.52 -21.99
CA HIS B 52 3.09 5.24 -23.24
C HIS B 52 4.59 5.25 -23.60
N PRO B 53 4.91 5.07 -24.88
CA PRO B 53 6.34 4.97 -25.22
C PRO B 53 7.19 6.17 -24.81
N GLU B 54 6.64 7.38 -24.86
CA GLU B 54 7.32 8.58 -24.39
C GLU B 54 7.67 8.57 -22.91
N ASP B 55 6.91 7.81 -22.13
CA ASP B 55 7.04 7.81 -20.66
C ASP B 55 7.76 6.57 -20.10
N GLN B 56 8.03 5.58 -20.95
CA GLN B 56 8.52 4.30 -20.47
C GLN B 56 9.85 4.43 -19.75
N GLN B 57 10.76 5.23 -20.30
CA GLN B 57 12.07 5.34 -19.66
C GLN B 57 11.97 6.08 -18.32
N LEU B 58 11.15 7.12 -18.28
CA LEU B 58 10.93 7.82 -17.01
C LEU B 58 10.43 6.85 -15.95
N LEU B 59 9.52 5.96 -16.36
CA LEU B 59 8.97 5.01 -15.42
C LEU B 59 10.02 4.02 -14.96
N ARG B 60 10.81 3.49 -15.90
N ARG B 60 10.81 3.49 -15.90
CA ARG B 60 11.91 2.60 -15.51
CA ARG B 60 11.90 2.59 -15.53
C ARG B 60 12.86 3.29 -14.56
C ARG B 60 12.90 3.27 -14.60
N ASP B 61 13.18 4.54 -14.86
CA ASP B 61 14.17 5.26 -14.07
C ASP B 61 13.64 5.58 -12.71
N SER B 62 12.34 5.77 -12.62
CA SER B 62 11.70 6.03 -11.34
C SER B 62 11.73 4.81 -10.45
N PHE B 63 11.42 3.65 -11.02
CA PHE B 63 11.54 2.39 -10.27
C PHE B 63 12.97 2.10 -9.82
N GLN B 64 13.93 2.42 -10.67
CA GLN B 64 15.34 2.24 -10.30
C GLN B 64 15.71 3.14 -9.12
N GLN B 65 15.21 4.39 -9.13
CA GLN B 65 15.62 5.29 -8.06
C GLN B 65 14.90 5.09 -6.74
N VAL B 66 13.63 4.70 -6.78
CA VAL B 66 12.88 4.64 -5.53
C VAL B 66 13.53 3.70 -4.52
N VAL B 67 14.23 2.67 -5.00
CA VAL B 67 14.87 1.77 -4.06
C VAL B 67 16.07 2.39 -3.35
N LYS B 68 16.52 3.54 -3.83
CA LYS B 68 17.69 4.20 -3.24
C LYS B 68 17.31 5.30 -2.26
N LEU B 69 16.01 5.62 -2.19
CA LEU B 69 15.56 6.77 -1.43
C LEU B 69 15.10 6.43 0.00
N LYS B 70 15.48 5.27 0.49
CA LYS B 70 15.29 4.94 1.90
C LYS B 70 13.84 4.99 2.35
N GLY B 71 12.92 4.56 1.47
CA GLY B 71 11.53 4.44 1.87
C GLY B 71 10.72 5.70 1.69
N GLN B 72 11.36 6.78 1.21
CA GLN B 72 10.64 8.00 0.87
C GLN B 72 9.77 7.70 -0.34
N VAL B 73 8.71 8.47 -0.49
CA VAL B 73 7.85 8.34 -1.67
C VAL B 73 8.47 9.03 -2.88
N LEU B 74 8.40 8.34 -4.03
CA LEU B 74 8.73 8.92 -5.31
C LEU B 74 7.47 8.88 -6.13
N SER B 75 7.08 10.01 -6.72
CA SER B 75 5.87 9.99 -7.52
C SER B 75 6.27 10.19 -8.98
N VAL B 76 5.50 9.60 -9.86
CA VAL B 76 5.73 9.77 -11.28
C VAL B 76 4.38 9.91 -11.96
N MET B 77 4.29 10.76 -12.98
CA MET B 77 3.10 10.83 -13.81
C MET B 77 3.39 10.16 -15.16
N PHE B 78 2.48 9.32 -15.62
CA PHE B 78 2.70 8.69 -16.91
C PHE B 78 1.37 8.31 -17.52
N ARG B 79 1.40 8.02 -18.80
CA ARG B 79 0.20 7.59 -19.51
C ARG B 79 0.11 6.07 -19.55
N PHE B 80 -1.02 5.55 -19.04
CA PHE B 80 -1.27 4.13 -18.86
C PHE B 80 -2.34 3.71 -19.87
N ARG B 81 -2.07 2.67 -20.65
CA ARG B 81 -3.03 2.18 -21.65
C ARG B 81 -4.15 1.39 -20.97
N SER B 82 -5.36 1.94 -20.98
CA SER B 82 -6.51 1.27 -20.38
C SER B 82 -6.96 0.08 -21.20
N LYS B 83 -7.83 -0.74 -20.63
CA LYS B 83 -8.35 -1.90 -21.33
C LYS B 83 -9.06 -1.50 -22.64
N ASN B 84 -9.46 -0.25 -22.77
CA ASN B 84 -10.03 0.26 -24.01
C ASN B 84 -8.99 0.81 -25.02
N GLN B 85 -7.71 0.62 -24.70
CA GLN B 85 -6.61 1.07 -25.56
C GLN B 85 -6.55 2.58 -25.66
N GLU B 86 -6.93 3.25 -24.55
CA GLU B 86 -6.84 4.71 -24.42
C GLU B 86 -5.87 5.13 -23.33
N TRP B 87 -5.19 6.25 -23.55
CA TRP B 87 -4.14 6.75 -22.67
C TRP B 87 -4.70 7.55 -21.50
N LEU B 88 -4.55 7.00 -20.30
CA LEU B 88 -4.99 7.63 -19.09
C LEU B 88 -3.81 8.19 -18.33
N TRP B 89 -3.95 9.42 -17.84
CA TRP B 89 -2.91 9.99 -16.99
C TRP B 89 -2.98 9.39 -15.60
N MET B 90 -1.86 8.80 -15.19
CA MET B 90 -1.76 8.17 -13.89
C MET B 90 -0.69 8.87 -13.09
N ARG B 91 -0.99 9.12 -11.81
N ARG B 91 -0.97 9.05 -11.80
CA ARG B 91 0.08 9.46 -10.89
CA ARG B 91 0.06 9.50 -10.87
C ARG B 91 0.30 8.27 -9.99
C ARG B 91 0.31 8.33 -9.94
N THR B 92 1.52 7.79 -10.01
CA THR B 92 1.89 6.63 -9.20
C THR B 92 2.81 7.15 -8.12
N SER B 93 2.43 6.91 -6.86
CA SER B 93 3.29 7.27 -5.74
C SER B 93 3.82 5.96 -5.22
N SER B 94 5.16 5.85 -5.21
N SER B 94 5.15 5.84 -5.19
CA SER B 94 5.82 4.59 -4.91
CA SER B 94 5.78 4.57 -4.88
C SER B 94 6.73 4.75 -3.70
C SER B 94 6.78 4.72 -3.75
N PHE B 95 6.96 3.65 -2.99
CA PHE B 95 7.98 3.62 -1.95
C PHE B 95 8.46 2.18 -1.78
N THR B 96 9.64 1.97 -1.24
CA THR B 96 10.13 0.59 -1.05
C THR B 96 9.77 0.09 0.33
N PHE B 97 9.60 -1.22 0.43
CA PHE B 97 9.46 -1.87 1.72
C PHE B 97 10.31 -3.12 1.76
N GLN B 98 10.92 -3.36 2.91
CA GLN B 98 11.56 -4.60 3.22
C GLN B 98 11.28 -4.86 4.69
N ASN B 99 10.84 -6.07 5.04
CA ASN B 99 10.56 -6.40 6.44
C ASN B 99 11.86 -6.28 7.21
N PRO B 100 11.88 -5.44 8.25
CA PRO B 100 13.14 -5.11 8.93
C PRO B 100 13.74 -6.29 9.68
N TYR B 101 12.95 -7.33 9.90
CA TYR B 101 13.44 -8.54 10.57
C TYR B 101 14.19 -9.46 9.61
N SER B 102 14.28 -9.07 8.34
CA SER B 102 14.85 -9.92 7.31
C SER B 102 15.80 -9.15 6.43
N ASP B 103 16.50 -9.86 5.54
CA ASP B 103 17.30 -9.21 4.52
C ASP B 103 16.77 -9.57 3.14
N GLU B 104 15.45 -9.76 3.04
CA GLU B 104 14.78 -9.97 1.78
C GLU B 104 15.00 -8.73 0.89
N ILE B 105 15.09 -8.93 -0.42
CA ILE B 105 15.19 -7.80 -1.33
C ILE B 105 13.94 -6.92 -1.23
N GLU B 106 14.18 -5.61 -1.29
CA GLU B 106 13.10 -4.63 -1.25
C GLU B 106 12.10 -4.94 -2.34
N TYR B 107 10.83 -4.66 -2.08
CA TYR B 107 9.90 -4.49 -3.18
C TYR B 107 9.26 -3.13 -3.13
N ILE B 108 8.48 -2.84 -4.16
CA ILE B 108 7.97 -1.51 -4.33
C ILE B 108 6.44 -1.53 -4.16
N ILE B 109 5.93 -0.61 -3.35
CA ILE B 109 4.48 -0.47 -3.18
C ILE B 109 4.04 0.79 -3.88
N CYS B 110 2.99 0.69 -4.69
CA CYS B 110 2.52 1.81 -5.49
C CYS B 110 1.06 2.12 -5.22
N THR B 111 0.71 3.40 -5.15
CA THR B 111 -0.68 3.81 -5.24
C THR B 111 -0.82 4.50 -6.58
N ASN B 112 -1.79 4.06 -7.37
CA ASN B 112 -1.91 4.50 -8.76
C ASN B 112 -3.26 5.22 -8.92
N THR B 113 -3.22 6.51 -9.27
CA THR B 113 -4.42 7.33 -9.30
C THR B 113 -4.57 7.98 -10.68
N ASN B 114 -5.76 7.90 -11.27
CA ASN B 114 -6.05 8.61 -12.53
C ASN B 114 -6.21 10.09 -12.19
N VAL B 115 -5.36 10.92 -12.78
CA VAL B 115 -5.33 12.35 -12.49
C VAL B 115 -5.49 13.14 -13.78
N LYS B 116 -5.72 14.45 -13.64
CA LYS B 116 -5.80 15.34 -14.78
C LYS B 116 -4.44 15.83 -15.22
N ASN B 117 -4.23 15.94 -16.53
CA ASN B 117 -3.11 16.74 -17.02
C ASN B 117 -3.69 18.07 -17.48
N SER B 118 -3.68 19.06 -16.59
N SER B 118 -3.71 19.04 -16.57
CA SER B 118 -4.23 20.36 -16.89
CA SER B 118 -4.31 20.35 -16.82
C SER B 118 -3.78 21.38 -15.85
C SER B 118 -3.74 21.38 -15.85
N SER B 119 -3.78 22.66 -16.22
CA SER B 119 -3.45 23.74 -15.29
C SER B 119 -3.58 25.10 -15.94
CAH 0XB C . -3.83 -2.14 10.21
CAG 0XB C . -3.64 -0.78 10.03
CAI 0XB C . -4.22 -2.66 11.44
CAQ 0XB C . -4.42 -1.75 12.48
FAR 0XB C . -4.78 -2.21 13.67
CAP 0XB C . -4.24 -0.39 12.30
CAO 0XB C . -3.83 0.10 11.07
NAN 0XB C . -3.67 1.47 10.89
CAM 0XB C . -2.64 2.19 11.43
CAL 0XB C . -2.49 3.55 11.27
NAT 0XB C . -3.46 4.35 10.47
OAS 0XB C . -3.29 5.54 10.34
OAU 0XB C . -4.38 3.78 9.98
CAF 0XB C . -1.68 1.47 12.23
CAE 0XB C . -0.60 2.05 12.82
CAD 0XB C . -0.41 3.47 12.66
CAK 0XB C . -1.37 4.23 11.87
NAC 0XB C . 0.52 4.35 13.12
OAB 0XB C . 0.16 5.54 12.65
NAJ 0XB C . -0.95 5.53 11.91
HAH 0XB C . -3.67 -2.84 9.39
HAG 0XB C . -3.33 -0.43 9.03
HAI 0XB C . -4.36 -3.73 11.60
HAP 0XB C . -4.40 0.28 13.15
HAF 0XB C . -1.82 0.39 12.34
HAE 0XB C . 0.13 1.50 13.41
O1 PE8 D . -9.88 13.58 13.24
C2 PE8 D . -8.77 12.88 13.68
C3 PE8 D . -8.96 11.46 14.07
O4 PE8 D . -8.09 10.90 14.98
C5 PE8 D . -8.52 9.76 15.65
C6 PE8 D . -8.17 9.62 17.09
O7 PE8 D . -8.64 8.55 17.84
C8 PE8 D . -8.77 8.70 19.20
C9 PE8 D . -7.52 8.80 20.03
O10 PE8 D . -7.61 9.25 21.34
C11 PE8 D . -7.83 10.59 21.60
C12 PE8 D . -6.88 11.34 22.49
O13 PE8 D . -5.89 12.12 21.91
C14 PE8 D . -6.24 13.21 21.13
C15 PE8 D . -5.34 13.65 20.02
O16 PE8 D . -5.87 14.42 18.99
C17 PE8 D . -6.02 13.87 17.72
C18 PE8 D . -4.89 13.81 16.75
O19 PE8 D . -5.12 13.04 15.62
C20 PE8 D . -4.24 13.03 14.56
C21 PE8 D . -4.46 14.02 13.46
O22 PE8 D . -3.40 14.79 13.03
C23 PE8 D . -2.49 15.27 13.94
C24 PE8 D . -1.58 16.38 13.53
O25 PE8 D . -0.64 16.80 14.46
HO1 PE8 D . -9.63 14.20 12.66
H21 PE8 D . -8.09 12.92 12.97
H22 PE8 D . -8.41 13.36 14.45
H31 PE8 D . -9.85 11.39 14.46
H32 PE8 D . -8.95 10.91 13.26
H51 PE8 D . -9.48 9.74 15.59
H52 PE8 D . -8.17 8.98 15.18
H61 PE8 D . -8.50 10.42 17.54
H62 PE8 D . -7.20 9.63 17.17
H81 PE8 D . -9.33 7.99 19.56
H82 PE8 D . -9.23 9.53 19.34
H91 PE8 D . -6.93 9.42 19.58
H92 PE8 D . -7.09 7.94 20.03
H111 PE8 D . -7.88 11.06 20.75
H112 PE8 D . -8.71 10.65 22.02
H121 PE8 D . -6.45 10.71 23.09
H122 PE8 D . -7.42 11.94 23.03
H141 PE8 D . -7.11 13.01 20.74
H142 PE8 D . -6.37 13.97 21.73
H151 PE8 D . -5.01 12.84 19.59
H152 PE8 D . -4.58 14.12 20.40
H171 PE8 D . -6.75 14.34 17.29
H172 PE8 D . -6.32 12.95 17.87
H181 PE8 D . -4.68 14.71 16.47
H182 PE8 D . -4.11 13.44 17.21
H201 PE8 D . -3.33 13.14 14.89
H202 PE8 D . -4.30 12.14 14.16
H211 PE8 D . -4.81 13.54 12.69
H212 PE8 D . -5.15 14.63 13.76
H231 PE8 D . -2.99 15.58 14.72
H232 PE8 D . -1.94 14.52 14.22
H241 PE8 D . -1.10 16.09 12.73
H242 PE8 D . -2.13 17.15 13.29
H25 PE8 D . -0.06 17.34 14.06
#